data_4XUS
#
_entry.id   4XUS
#
_cell.length_a   56.050
_cell.length_b   63.280
_cell.length_c   141.060
_cell.angle_alpha   90.00
_cell.angle_beta   90.00
_cell.angle_gamma   90.00
#
_symmetry.space_group_name_H-M   'P 21 21 21'
#
loop_
_entity.id
_entity.type
_entity.pdbx_description
1 polymer 'DNA polymerase lambda'
2 polymer "DNA (5'-D(P*GP*CP*CP*G)-3')"
3 polymer "DNA (5'-D(*CP*AP*GP*TP*A)-3')"
4 polymer "DNA (5'-D(*CP*GP*GP*CP*AP*GP*TP*AP*CP*TP*G)-3')"
5 non-polymer "THYMIDINE-5'-TRIPHOSPHATE"
6 non-polymer 'MAGNESIUM ION'
7 non-polymer "2',3'-DIDEOXYCYTIDINE-5'-MONOPHOSPHATE"
8 water water
#
loop_
_entity_poly.entity_id
_entity_poly.type
_entity_poly.pdbx_seq_one_letter_code
_entity_poly.pdbx_strand_id
1 'polypeptide(L)'
;NHNLHITEKLEVLAKAYSVQGDKWRALGYAKAINALKSFHKPVTSYQEACSIPGIGKRMAEKIIEILESGHLRKLDHISE
SVPVLELFSNIWGAGTKTAQMWYQQGFRSLEDIRSQASLTTQQAIGLKHYSDFLERMPREEATEIEQTVQKAAQAFNSGL
LCVACGSYRRGKATCGDVDVLITHPDGRSHRGIFSRLLDSLRQEGFLTDDLVSQEENGQQQKYLGVCRLPGPGRRHRRLD
IIVVPYSEFACALLYFTGSAHFNRSMRALAKTKGMSLSEHALSTAVVRNTHGCKVGPGRVLPTPTEKDVFRLLGLPYREP
AERDW
;
A
2 'polydeoxyribonucleotide' (DG)(DC)(DC)(DG) D
3 'polydeoxyribonucleotide' (DC)(DA)(DG)(DT)(DA) P
4 'polydeoxyribonucleotide' (DC)(DG)(DG)(DC)(DA)(DG)(DT)(DA)(DC)(DT)(DG) T
#
# COMPACT_ATOMS: atom_id res chain seq x y z
N HIS A 2 4.27 19.53 14.03
CA HIS A 2 3.23 20.08 13.16
C HIS A 2 1.82 19.56 13.55
N ASN A 3 1.25 19.97 14.70
CA ASN A 3 1.81 20.84 15.73
C ASN A 3 1.87 20.07 17.08
N LEU A 4 2.08 18.73 17.03
CA LEU A 4 2.07 17.86 18.21
C LEU A 4 3.18 16.74 18.25
N HIS A 5 3.79 16.53 19.44
CA HIS A 5 4.79 15.50 19.71
C HIS A 5 4.14 14.34 20.47
N ILE A 6 2.81 14.43 20.76
CA ILE A 6 2.05 13.35 21.39
C ILE A 6 1.95 12.17 20.42
N THR A 7 1.90 12.46 19.08
CA THR A 7 1.81 11.45 18.01
C THR A 7 3.05 10.58 17.96
N GLU A 8 4.21 11.14 18.30
CA GLU A 8 5.47 10.41 18.34
C GLU A 8 5.35 9.29 19.38
N LYS A 9 4.73 9.57 20.55
CA LYS A 9 4.49 8.58 21.61
C LYS A 9 3.38 7.61 21.21
N LEU A 10 2.27 8.12 20.61
CA LEU A 10 1.17 7.24 20.16
C LEU A 10 1.59 6.35 18.99
N GLU A 11 2.59 6.74 18.17
CA GLU A 11 3.08 5.91 17.05
C GLU A 11 3.81 4.69 17.57
N VAL A 12 4.52 4.80 18.71
CA VAL A 12 5.25 3.69 19.33
C VAL A 12 4.24 2.64 19.80
N LEU A 13 3.15 3.07 20.43
CA LEU A 13 2.10 2.16 20.89
C LEU A 13 1.25 1.58 19.74
N ALA A 14 1.10 2.30 18.61
CA ALA A 14 0.34 1.82 17.45
C ALA A 14 1.17 0.78 16.69
N LYS A 15 2.50 1.00 16.58
CA LYS A 15 3.40 0.07 15.91
C LYS A 15 3.44 -1.26 16.66
N ALA A 16 3.39 -1.19 18.02
CA ALA A 16 3.41 -2.34 18.93
C ALA A 16 2.18 -3.25 18.72
N TYR A 17 0.97 -2.65 18.61
CA TYR A 17 -0.27 -3.42 18.40
C TYR A 17 -0.29 -4.04 17.03
N SER A 18 0.16 -3.30 16.02
CA SER A 18 0.19 -3.82 14.64
C SER A 18 1.09 -5.06 14.52
N VAL A 19 2.35 -5.01 15.03
CA VAL A 19 3.26 -6.17 14.95
C VAL A 19 2.74 -7.37 15.75
N GLN A 20 1.99 -7.09 16.85
CA GLN A 20 1.42 -8.14 17.68
C GLN A 20 0.13 -8.73 17.09
N GLY A 21 -0.41 -8.13 16.02
CA GLY A 21 -1.59 -8.64 15.32
C GLY A 21 -2.90 -7.95 15.64
N ASP A 22 -2.90 -6.93 16.53
CA ASP A 22 -4.15 -6.19 16.88
C ASP A 22 -4.46 -5.19 15.73
N LYS A 23 -4.92 -5.76 14.60
CA LYS A 23 -5.21 -5.06 13.33
C LYS A 23 -6.17 -3.88 13.50
N TRP A 24 -7.21 -4.07 14.29
CA TRP A 24 -8.22 -3.04 14.46
C TRP A 24 -7.86 -2.02 15.52
N ARG A 25 -7.19 -2.44 16.60
CA ARG A 25 -6.76 -1.51 17.65
C ARG A 25 -5.68 -0.61 17.06
N ALA A 26 -4.79 -1.17 16.22
CA ALA A 26 -3.75 -0.41 15.52
C ALA A 26 -4.37 0.64 14.55
N LEU A 27 -5.45 0.27 13.82
CA LEU A 27 -6.16 1.14 12.88
C LEU A 27 -6.71 2.36 13.62
N GLY A 28 -7.41 2.14 14.73
CA GLY A 28 -7.93 3.24 15.54
C GLY A 28 -6.84 4.20 15.96
N TYR A 29 -5.67 3.69 16.36
CA TYR A 29 -4.52 4.52 16.73
C TYR A 29 -4.00 5.31 15.53
N ALA A 30 -3.92 4.69 14.34
CA ALA A 30 -3.40 5.32 13.12
C ALA A 30 -4.27 6.48 12.65
N LYS A 31 -5.60 6.33 12.74
CA LYS A 31 -6.56 7.39 12.39
C LYS A 31 -6.50 8.55 13.40
N ALA A 32 -6.29 8.24 14.70
CA ALA A 32 -6.13 9.27 15.73
C ALA A 32 -4.80 10.03 15.52
N ILE A 33 -3.73 9.30 15.14
CA ILE A 33 -2.40 9.89 14.89
C ILE A 33 -2.49 10.86 13.71
N ASN A 34 -3.21 10.47 12.63
CA ASN A 34 -3.35 11.33 11.45
C ASN A 34 -4.18 12.57 11.79
N ALA A 35 -5.30 12.40 12.52
CA ALA A 35 -6.13 13.51 12.95
C ALA A 35 -5.29 14.50 13.74
N LEU A 36 -4.41 14.00 14.63
CA LEU A 36 -3.51 14.83 15.43
C LEU A 36 -2.45 15.56 14.57
N LYS A 37 -1.90 14.90 13.54
CA LYS A 37 -0.94 15.52 12.60
C LYS A 37 -1.69 16.55 11.68
N SER A 38 -2.98 16.26 11.37
CA SER A 38 -3.87 17.08 10.55
C SER A 38 -4.74 17.96 11.47
N PHE A 39 -4.11 18.91 12.20
CA PHE A 39 -4.83 19.82 13.09
C PHE A 39 -4.06 21.13 13.24
N HIS A 40 -4.81 22.25 13.38
CA HIS A 40 -4.23 23.60 13.47
C HIS A 40 -3.55 23.90 14.83
N LYS A 41 -4.35 24.14 15.90
CA LYS A 41 -3.85 24.53 17.22
C LYS A 41 -3.47 23.33 18.07
N PRO A 42 -2.27 23.31 18.72
CA PRO A 42 -1.93 22.17 19.60
C PRO A 42 -3.04 21.89 20.64
N VAL A 43 -3.31 20.60 20.88
CA VAL A 43 -4.37 20.17 21.80
C VAL A 43 -3.92 20.43 23.24
N THR A 44 -4.70 21.24 23.98
CA THR A 44 -4.40 21.62 25.37
C THR A 44 -5.42 21.04 26.39
N SER A 45 -6.67 20.74 25.96
CA SER A 45 -7.70 20.20 26.84
C SER A 45 -8.19 18.81 26.36
N TYR A 46 -8.81 18.05 27.27
CA TYR A 46 -9.41 16.74 27.04
C TYR A 46 -10.68 16.90 26.17
N GLN A 47 -11.50 17.94 26.44
CA GLN A 47 -12.71 18.23 25.64
C GLN A 47 -12.29 18.61 24.20
N GLU A 48 -11.19 19.40 24.08
CA GLU A 48 -10.60 19.81 22.79
C GLU A 48 -10.08 18.59 22.03
N ALA A 49 -9.58 17.56 22.75
CA ALA A 49 -9.11 16.33 22.15
C ALA A 49 -10.31 15.49 21.68
N CYS A 50 -11.35 15.33 22.53
CA CYS A 50 -12.55 14.56 22.16
C CYS A 50 -13.33 15.15 21.00
N SER A 51 -13.27 16.50 20.80
CA SER A 51 -13.98 17.20 19.71
C SER A 51 -13.54 16.76 18.31
N ILE A 52 -12.27 16.31 18.18
CA ILE A 52 -11.69 15.92 16.90
C ILE A 52 -12.26 14.55 16.45
N PRO A 53 -12.57 14.35 15.14
CA PRO A 53 -13.05 13.03 14.71
C PRO A 53 -11.83 12.10 14.59
N GLY A 54 -11.91 10.95 15.25
CA GLY A 54 -10.83 9.97 15.34
C GLY A 54 -10.28 9.83 16.74
N ILE A 55 -10.63 10.75 17.67
CA ILE A 55 -10.16 10.76 19.06
C ILE A 55 -11.40 10.59 19.97
N GLY A 56 -11.42 9.50 20.76
CA GLY A 56 -12.49 9.17 21.68
C GLY A 56 -12.08 9.49 23.10
N LYS A 57 -12.80 8.93 24.12
CA LYS A 57 -12.46 9.17 25.53
C LYS A 57 -11.09 8.59 25.87
N ARG A 58 -10.86 7.29 25.51
CA ARG A 58 -9.61 6.56 25.75
C ARG A 58 -8.38 7.22 25.11
N MET A 59 -8.52 7.73 23.88
CA MET A 59 -7.40 8.38 23.17
C MET A 59 -7.12 9.79 23.75
N ALA A 60 -8.18 10.55 24.11
CA ALA A 60 -8.08 11.88 24.73
C ALA A 60 -7.38 11.84 26.09
N GLU A 61 -7.65 10.81 26.91
CA GLU A 61 -6.98 10.69 28.21
C GLU A 61 -5.53 10.26 28.06
N LYS A 62 -5.16 9.57 26.97
CA LYS A 62 -3.75 9.28 26.68
C LYS A 62 -3.02 10.57 26.23
N ILE A 63 -3.74 11.47 25.50
CA ILE A 63 -3.23 12.78 25.07
C ILE A 63 -3.15 13.69 26.32
N ILE A 64 -4.13 13.61 27.26
CA ILE A 64 -4.10 14.41 28.49
C ILE A 64 -2.94 13.98 29.40
N GLU A 65 -2.52 12.70 29.33
CA GLU A 65 -1.38 12.19 30.11
C GLU A 65 -0.05 12.73 29.58
N ILE A 66 0.13 12.77 28.24
CA ILE A 66 1.36 13.29 27.63
C ILE A 66 1.45 14.83 27.82
N LEU A 67 0.31 15.54 27.81
CA LEU A 67 0.33 17.01 28.00
C LEU A 67 0.73 17.36 29.44
N GLU A 68 0.12 16.69 30.44
CA GLU A 68 0.38 16.91 31.86
C GLU A 68 1.75 16.38 32.33
N SER A 69 2.08 15.12 31.96
CA SER A 69 3.29 14.42 32.41
C SER A 69 4.50 14.44 31.46
N GLY A 70 4.26 14.52 30.15
CA GLY A 70 5.34 14.43 29.17
C GLY A 70 5.84 12.99 29.04
N HIS A 71 4.99 12.03 29.41
CA HIS A 71 5.35 10.61 29.40
C HIS A 71 4.08 9.72 29.43
N LEU A 72 3.97 8.74 28.50
CA LEU A 72 2.84 7.80 28.43
C LEU A 72 3.26 6.50 29.14
N ARG A 73 2.60 6.20 30.28
CA ARG A 73 2.91 5.02 31.12
C ARG A 73 2.79 3.67 30.39
N LYS A 74 1.82 3.55 29.47
CA LYS A 74 1.60 2.32 28.68
C LYS A 74 2.85 1.90 27.87
N LEU A 75 3.72 2.84 27.47
CA LEU A 75 4.93 2.53 26.71
C LEU A 75 5.98 1.76 27.54
N ASP A 76 5.95 1.92 28.87
CA ASP A 76 6.85 1.21 29.77
C ASP A 76 6.46 -0.27 29.95
N HIS A 77 5.26 -0.70 29.46
CA HIS A 77 4.79 -2.08 29.55
C HIS A 77 4.43 -2.64 28.17
N ILE A 78 5.26 -2.36 27.16
CA ILE A 78 5.09 -2.92 25.81
C ILE A 78 5.75 -4.30 25.91
N SER A 79 5.26 -5.30 25.15
CA SER A 79 5.87 -6.61 25.22
C SER A 79 7.31 -6.52 24.73
N GLU A 80 8.23 -7.27 25.38
CA GLU A 80 9.65 -7.26 24.98
C GLU A 80 9.87 -7.86 23.57
N SER A 81 8.87 -8.59 23.03
CA SER A 81 8.92 -9.20 21.72
C SER A 81 8.76 -8.25 20.55
N VAL A 82 8.13 -7.08 20.77
CA VAL A 82 7.78 -6.10 19.73
C VAL A 82 8.97 -5.72 18.80
N PRO A 83 10.17 -5.34 19.29
CA PRO A 83 11.29 -5.06 18.36
C PRO A 83 11.65 -6.25 17.45
N VAL A 84 11.66 -7.47 17.99
CA VAL A 84 11.96 -8.69 17.20
C VAL A 84 10.86 -8.99 16.20
N LEU A 85 9.58 -8.82 16.59
CA LEU A 85 8.43 -9.08 15.73
C LEU A 85 8.44 -8.09 14.56
N GLU A 86 8.80 -6.83 14.85
CA GLU A 86 8.90 -5.78 13.86
C GLU A 86 10.00 -6.14 12.86
N LEU A 87 11.20 -6.55 13.35
CA LEU A 87 12.35 -6.97 12.54
C LEU A 87 11.93 -8.12 11.60
N PHE A 88 11.28 -9.17 12.12
CA PHE A 88 10.80 -10.33 11.32
C PHE A 88 9.68 -9.98 10.32
N SER A 89 8.67 -9.17 10.72
CA SER A 89 7.61 -8.78 9.77
C SER A 89 8.08 -7.84 8.67
N ASN A 90 9.27 -7.24 8.79
CA ASN A 90 9.85 -6.44 7.71
C ASN A 90 10.53 -7.30 6.62
N ILE A 91 10.42 -8.67 6.68
CA ILE A 91 10.89 -9.58 5.62
C ILE A 91 9.70 -9.60 4.66
N TRP A 92 9.95 -9.50 3.33
CA TRP A 92 8.85 -9.52 2.36
C TRP A 92 8.27 -10.94 2.37
N GLY A 93 6.96 -11.07 2.53
CA GLY A 93 6.30 -12.37 2.56
C GLY A 93 6.01 -12.87 3.95
N ALA A 94 6.63 -12.26 5.00
CA ALA A 94 6.37 -12.62 6.40
C ALA A 94 5.53 -11.52 7.01
N GLY A 95 4.49 -11.89 7.71
CA GLY A 95 3.60 -10.95 8.37
C GLY A 95 3.52 -11.22 9.86
N THR A 96 2.48 -10.70 10.50
CA THR A 96 2.31 -10.84 11.95
C THR A 96 2.28 -12.31 12.40
N LYS A 97 1.61 -13.19 11.67
CA LYS A 97 1.50 -14.61 12.06
C LYS A 97 2.85 -15.31 12.04
N THR A 98 3.57 -15.21 10.92
CA THR A 98 4.89 -15.84 10.76
C THR A 98 5.90 -15.32 11.78
N ALA A 99 5.93 -14.01 12.01
CA ALA A 99 6.85 -13.40 12.98
C ALA A 99 6.59 -13.90 14.42
N GLN A 100 5.30 -14.03 14.83
CA GLN A 100 4.93 -14.55 16.15
C GLN A 100 5.35 -16.02 16.30
N MET A 101 5.25 -16.78 15.20
CA MET A 101 5.64 -18.19 15.17
C MET A 101 7.14 -18.32 15.31
N TRP A 102 7.90 -17.58 14.50
CA TRP A 102 9.36 -17.54 14.62
C TRP A 102 9.81 -17.07 16.00
N TYR A 103 9.05 -16.18 16.64
CA TYR A 103 9.40 -15.73 17.99
C TYR A 103 9.17 -16.89 19.00
N GLN A 104 8.02 -17.59 18.91
CA GLN A 104 7.67 -18.70 19.81
C GLN A 104 8.73 -19.79 19.68
N GLN A 105 9.16 -20.06 18.43
CA GLN A 105 10.25 -21.00 18.13
C GLN A 105 11.66 -20.62 18.66
N GLY A 106 11.84 -19.42 19.22
CA GLY A 106 13.08 -18.98 19.84
C GLY A 106 14.04 -18.13 19.02
N PHE A 107 13.62 -17.65 17.83
CA PHE A 107 14.46 -16.86 16.94
C PHE A 107 14.36 -15.38 17.34
N ARG A 108 15.52 -14.70 17.37
CA ARG A 108 15.57 -13.29 17.77
C ARG A 108 16.31 -12.43 16.80
N SER A 109 16.82 -12.97 15.70
CA SER A 109 17.62 -12.16 14.77
C SER A 109 17.49 -12.69 13.35
N LEU A 110 17.92 -11.89 12.36
CA LEU A 110 17.87 -12.37 10.99
C LEU A 110 18.89 -13.51 10.78
N GLU A 111 19.91 -13.61 11.67
CA GLU A 111 20.89 -14.71 11.64
C GLU A 111 20.20 -16.03 12.01
N ASP A 112 19.34 -16.02 13.03
CA ASP A 112 18.54 -17.19 13.41
C ASP A 112 17.49 -17.53 12.34
N ILE A 113 16.96 -16.53 11.63
CA ILE A 113 16.00 -16.77 10.55
C ILE A 113 16.76 -17.45 9.38
N ARG A 114 17.88 -16.87 8.96
CA ARG A 114 18.73 -17.38 7.87
C ARG A 114 19.16 -18.85 8.07
N SER A 115 19.65 -19.18 9.28
CA SER A 115 20.19 -20.49 9.59
C SER A 115 19.19 -21.56 10.08
N GLN A 116 18.15 -21.18 10.85
CA GLN A 116 17.21 -22.11 11.46
C GLN A 116 15.74 -22.06 11.01
N ALA A 117 15.22 -20.91 10.54
CA ALA A 117 13.81 -20.83 10.15
C ALA A 117 13.48 -21.53 8.85
N SER A 118 12.20 -21.91 8.67
CA SER A 118 11.68 -22.50 7.44
C SER A 118 11.12 -21.32 6.70
N LEU A 119 11.69 -21.01 5.52
CA LEU A 119 11.33 -19.83 4.74
C LEU A 119 10.58 -20.22 3.51
N THR A 120 9.59 -19.43 3.13
CA THR A 120 8.90 -19.63 1.86
C THR A 120 9.83 -19.01 0.79
N THR A 121 9.57 -19.33 -0.49
CA THR A 121 10.31 -18.76 -1.61
C THR A 121 10.32 -17.23 -1.53
N GLN A 122 9.18 -16.58 -1.22
CA GLN A 122 9.10 -15.10 -1.14
C GLN A 122 9.88 -14.57 0.08
N GLN A 123 9.81 -15.27 1.23
CA GLN A 123 10.52 -14.92 2.47
C GLN A 123 12.02 -14.98 2.27
N ALA A 124 12.51 -15.99 1.54
CA ALA A 124 13.94 -16.12 1.19
C ALA A 124 14.43 -14.96 0.27
N ILE A 125 13.59 -14.44 -0.68
CA ILE A 125 13.94 -13.28 -1.56
C ILE A 125 13.90 -11.99 -0.70
N GLY A 126 12.90 -11.88 0.17
CA GLY A 126 12.76 -10.77 1.09
C GLY A 126 13.97 -10.60 1.99
N LEU A 127 14.44 -11.71 2.56
CA LEU A 127 15.61 -11.73 3.46
C LEU A 127 16.90 -11.36 2.71
N LYS A 128 17.10 -11.93 1.53
CA LYS A 128 18.22 -11.65 0.60
C LYS A 128 18.36 -10.15 0.28
N HIS A 129 17.22 -9.40 0.24
CA HIS A 129 17.21 -7.95 -0.01
C HIS A 129 16.61 -7.20 1.16
N TYR A 130 16.81 -7.67 2.40
CA TYR A 130 16.25 -7.04 3.60
C TYR A 130 16.47 -5.52 3.71
N SER A 131 17.71 -5.04 3.53
CA SER A 131 17.97 -3.59 3.60
C SER A 131 17.37 -2.83 2.41
N ASP A 132 17.67 -3.27 1.18
CA ASP A 132 17.19 -2.63 -0.06
C ASP A 132 15.68 -2.44 -0.04
N PHE A 133 14.96 -3.46 0.44
CA PHE A 133 13.50 -3.41 0.52
C PHE A 133 12.97 -2.40 1.53
N LEU A 134 13.79 -1.98 2.55
CA LEU A 134 13.39 -0.95 3.53
C LEU A 134 13.83 0.46 3.08
N GLU A 135 14.48 0.55 1.91
CA GLU A 135 15.07 1.73 1.31
C GLU A 135 14.13 2.25 0.24
N ARG A 136 13.96 3.59 0.17
CA ARG A 136 13.10 4.24 -0.84
C ARG A 136 14.02 4.82 -1.93
N MET A 137 13.62 4.74 -3.18
CA MET A 137 14.43 5.26 -4.28
C MET A 137 14.06 6.71 -4.64
N PRO A 138 14.97 7.47 -5.26
CA PRO A 138 14.58 8.81 -5.74
C PRO A 138 13.58 8.64 -6.89
N ARG A 139 12.57 9.54 -7.00
CA ARG A 139 11.56 9.45 -8.07
C ARG A 139 12.17 9.44 -9.48
N GLU A 140 13.40 9.92 -9.62
CA GLU A 140 14.13 9.91 -10.88
C GLU A 140 14.51 8.48 -11.30
N GLU A 141 14.81 7.59 -10.32
CA GLU A 141 15.13 6.18 -10.60
C GLU A 141 13.84 5.44 -10.97
N ALA A 142 12.72 5.81 -10.30
CA ALA A 142 11.41 5.26 -10.59
C ALA A 142 11.02 5.62 -12.06
N THR A 143 11.45 6.78 -12.55
CA THR A 143 11.22 7.16 -13.95
C THR A 143 12.02 6.22 -14.85
N GLU A 144 13.31 5.96 -14.51
CA GLU A 144 14.17 5.06 -15.29
C GLU A 144 13.55 3.66 -15.37
N ILE A 145 13.02 3.15 -14.24
CA ILE A 145 12.36 1.85 -14.15
C ILE A 145 11.05 1.81 -14.97
N GLU A 146 10.14 2.80 -14.84
CA GLU A 146 8.91 2.83 -15.64
C GLU A 146 9.26 2.93 -17.13
N GLN A 147 10.29 3.70 -17.47
CA GLN A 147 10.73 3.83 -18.86
C GLN A 147 11.30 2.50 -19.37
N THR A 148 11.88 1.65 -18.48
CA THR A 148 12.43 0.33 -18.86
C THR A 148 11.28 -0.59 -19.20
N VAL A 149 10.24 -0.59 -18.33
CA VAL A 149 9.06 -1.44 -18.52
C VAL A 149 8.28 -0.97 -19.77
N GLN A 150 8.17 0.36 -19.98
CA GLN A 150 7.45 0.91 -21.12
C GLN A 150 8.12 0.55 -22.42
N LYS A 151 9.45 0.74 -22.50
CA LYS A 151 10.22 0.43 -23.70
C LYS A 151 10.05 -1.06 -24.10
N ALA A 152 10.06 -2.02 -23.13
CA ALA A 152 9.87 -3.45 -23.44
C ALA A 152 8.42 -3.76 -23.85
N ALA A 153 7.43 -3.10 -23.20
CA ALA A 153 6.00 -3.31 -23.51
C ALA A 153 5.69 -2.73 -24.90
N GLN A 154 6.07 -1.46 -25.15
CA GLN A 154 5.86 -0.80 -26.43
C GLN A 154 6.65 -1.38 -27.60
N ALA A 155 7.77 -2.12 -27.34
CA ALA A 155 8.60 -2.77 -28.35
C ALA A 155 7.85 -3.82 -29.16
N PHE A 156 6.94 -4.59 -28.50
CA PHE A 156 6.17 -5.62 -29.18
C PHE A 156 4.75 -5.16 -29.54
N ASN A 157 4.25 -4.05 -28.95
CA ASN A 157 2.94 -3.48 -29.28
C ASN A 157 2.95 -1.99 -28.93
N SER A 158 3.28 -1.15 -29.94
CA SER A 158 3.44 0.31 -29.84
C SER A 158 2.24 1.08 -29.22
N GLY A 159 1.03 0.54 -29.36
CA GLY A 159 -0.20 1.15 -28.83
C GLY A 159 -0.40 1.03 -27.33
N LEU A 160 0.38 0.20 -26.63
CA LEU A 160 0.22 0.01 -25.19
C LEU A 160 0.54 1.29 -24.40
N LEU A 161 -0.36 1.63 -23.43
CA LEU A 161 -0.26 2.76 -22.51
C LEU A 161 0.36 2.32 -21.18
N CYS A 162 1.50 2.90 -20.79
CA CYS A 162 2.19 2.59 -19.55
C CYS A 162 2.22 3.84 -18.71
N VAL A 163 1.76 3.75 -17.46
CA VAL A 163 1.68 4.89 -16.52
C VAL A 163 2.23 4.44 -15.18
N ALA A 164 3.13 5.24 -14.58
CA ALA A 164 3.64 4.98 -13.23
C ALA A 164 2.65 5.59 -12.23
N CYS A 165 2.17 4.78 -11.29
CA CYS A 165 1.13 5.16 -10.32
C CYS A 165 1.71 5.22 -8.90
N GLY A 166 0.98 4.80 -7.87
CA GLY A 166 1.41 4.89 -6.48
C GLY A 166 1.91 6.27 -6.10
N SER A 167 2.86 6.30 -5.16
CA SER A 167 3.53 7.50 -4.67
C SER A 167 4.16 8.34 -5.78
N TYR A 168 4.64 7.70 -6.88
CA TYR A 168 5.24 8.38 -8.04
C TYR A 168 4.26 9.40 -8.62
N ARG A 169 3.04 8.93 -8.96
CA ARG A 169 1.95 9.75 -9.52
C ARG A 169 1.41 10.80 -8.53
N ARG A 170 1.51 10.56 -7.19
CA ARG A 170 1.13 11.52 -6.15
C ARG A 170 2.25 12.57 -5.89
N GLY A 171 3.18 12.71 -6.84
CA GLY A 171 4.27 13.68 -6.75
C GLY A 171 5.26 13.53 -5.61
N LYS A 172 5.39 12.32 -5.00
CA LYS A 172 6.31 12.16 -3.89
C LYS A 172 7.78 12.20 -4.36
N ALA A 173 8.70 12.67 -3.50
CA ALA A 173 10.12 12.75 -3.88
C ALA A 173 10.78 11.36 -3.92
N THR A 174 10.39 10.46 -3.00
CA THR A 174 10.94 9.10 -2.92
C THR A 174 9.83 8.08 -3.12
N CYS A 175 10.19 6.85 -3.56
CA CYS A 175 9.22 5.78 -3.84
C CYS A 175 9.68 4.46 -3.25
N GLY A 176 8.79 3.78 -2.53
CA GLY A 176 9.03 2.48 -1.93
C GLY A 176 9.33 1.46 -2.99
N ASP A 177 8.55 1.49 -4.09
CA ASP A 177 8.74 0.63 -5.25
C ASP A 177 8.26 1.37 -6.50
N VAL A 178 8.22 0.69 -7.66
CA VAL A 178 7.69 1.29 -8.90
C VAL A 178 6.43 0.52 -9.24
N ASP A 179 5.26 1.23 -9.21
CA ASP A 179 3.95 0.71 -9.56
C ASP A 179 3.59 1.12 -11.03
N VAL A 180 3.71 0.21 -12.02
CA VAL A 180 3.39 0.50 -13.44
C VAL A 180 2.03 -0.09 -13.89
N LEU A 181 1.09 0.75 -14.36
CA LEU A 181 -0.19 0.30 -14.89
C LEU A 181 -0.05 0.20 -16.43
N ILE A 182 -0.44 -0.92 -17.03
CA ILE A 182 -0.41 -1.11 -18.49
C ILE A 182 -1.85 -1.33 -19.01
N THR A 183 -2.19 -0.74 -20.17
CA THR A 183 -3.50 -0.93 -20.81
C THR A 183 -3.38 -0.73 -22.32
N HIS A 184 -4.49 -0.92 -23.04
CA HIS A 184 -4.50 -0.70 -24.49
C HIS A 184 -5.78 0.00 -24.93
N PRO A 185 -5.71 1.23 -25.50
CA PRO A 185 -6.94 1.92 -25.95
C PRO A 185 -7.90 1.15 -26.88
N ASP A 186 -7.46 0.08 -27.57
CA ASP A 186 -8.37 -0.70 -28.41
C ASP A 186 -9.32 -1.64 -27.57
N GLY A 187 -9.05 -1.84 -26.28
CA GLY A 187 -9.92 -2.66 -25.45
C GLY A 187 -9.76 -4.17 -25.54
N ARG A 188 -8.79 -4.68 -26.34
CA ARG A 188 -8.56 -6.13 -26.49
C ARG A 188 -7.08 -6.58 -26.58
N SER A 189 -6.15 -5.71 -27.03
CA SER A 189 -4.72 -6.04 -27.21
C SER A 189 -3.91 -6.09 -25.90
N HIS A 190 -4.53 -5.66 -24.78
CA HIS A 190 -3.93 -5.75 -23.44
C HIS A 190 -3.83 -7.25 -22.97
N ARG A 191 -4.59 -8.20 -23.62
CA ARG A 191 -4.62 -9.60 -23.23
C ARG A 191 -3.37 -10.43 -23.67
N GLY A 192 -2.81 -11.17 -22.71
CA GLY A 192 -1.66 -12.04 -22.92
C GLY A 192 -0.31 -11.37 -23.13
N ILE A 193 -0.08 -10.18 -22.56
CA ILE A 193 1.20 -9.45 -22.70
C ILE A 193 2.20 -9.75 -21.57
N PHE A 194 1.75 -10.33 -20.44
CA PHE A 194 2.67 -10.65 -19.33
C PHE A 194 3.66 -11.68 -19.78
N SER A 195 3.23 -12.60 -20.63
CA SER A 195 4.11 -13.62 -21.20
C SER A 195 5.29 -12.95 -21.93
N ARG A 196 4.98 -12.02 -22.83
CA ARG A 196 5.98 -11.34 -23.66
C ARG A 196 6.78 -10.29 -22.91
N LEU A 197 6.11 -9.49 -22.06
CA LEU A 197 6.74 -8.41 -21.31
C LEU A 197 7.77 -8.95 -20.34
N LEU A 198 7.39 -9.94 -19.52
CA LEU A 198 8.30 -10.53 -18.54
C LEU A 198 9.42 -11.27 -19.22
N ASP A 199 9.12 -11.98 -20.31
CA ASP A 199 10.13 -12.66 -21.13
C ASP A 199 11.19 -11.66 -21.55
N SER A 200 10.73 -10.54 -22.15
CA SER A 200 11.59 -9.48 -22.65
C SER A 200 12.45 -8.86 -21.57
N LEU A 201 11.88 -8.60 -20.40
CA LEU A 201 12.63 -7.99 -19.30
C LEU A 201 13.65 -8.94 -18.66
N ARG A 202 13.50 -10.25 -18.83
CA ARG A 202 14.46 -11.26 -18.35
C ARG A 202 15.61 -11.41 -19.35
N GLN A 203 15.33 -11.31 -20.69
CA GLN A 203 16.35 -11.39 -21.72
C GLN A 203 17.43 -10.34 -21.47
N GLU A 204 17.01 -9.12 -21.06
CA GLU A 204 17.95 -8.03 -20.75
C GLU A 204 18.46 -8.00 -19.29
N GLY A 205 18.24 -9.08 -18.52
CA GLY A 205 18.71 -9.20 -17.13
C GLY A 205 18.19 -8.18 -16.13
N PHE A 206 17.09 -7.52 -16.44
CA PHE A 206 16.49 -6.50 -15.58
C PHE A 206 15.79 -7.11 -14.37
N LEU A 207 15.01 -8.19 -14.57
CA LEU A 207 14.30 -8.83 -13.47
C LEU A 207 15.27 -9.76 -12.78
N THR A 208 15.48 -9.53 -11.45
CA THR A 208 16.39 -10.35 -10.64
C THR A 208 15.63 -11.50 -9.95
N ASP A 209 14.42 -11.22 -9.41
CA ASP A 209 13.56 -12.21 -8.71
C ASP A 209 12.11 -11.92 -8.90
N ASP A 210 11.26 -12.97 -8.77
CA ASP A 210 9.78 -12.85 -8.84
C ASP A 210 9.20 -13.20 -7.47
N LEU A 211 8.20 -12.43 -7.02
CA LEU A 211 7.54 -12.65 -5.72
C LEU A 211 6.14 -13.22 -5.95
N VAL A 212 5.34 -12.55 -6.79
CA VAL A 212 3.98 -13.00 -7.14
C VAL A 212 3.86 -12.87 -8.63
N SER A 213 3.76 -13.98 -9.35
CA SER A 213 3.65 -13.94 -10.81
C SER A 213 3.01 -15.24 -11.35
N GLN A 214 1.67 -15.28 -11.38
CA GLN A 214 0.90 -16.43 -11.88
C GLN A 214 0.97 -16.51 -13.41
N GLU A 215 2.13 -16.91 -13.99
CA GLU A 215 2.32 -17.01 -15.44
C GLU A 215 1.70 -18.28 -16.09
N GLU A 216 1.22 -19.23 -15.28
CA GLU A 216 0.55 -20.42 -15.79
C GLU A 216 -0.88 -20.07 -16.28
N ASN A 217 -1.47 -18.98 -15.72
CA ASN A 217 -2.81 -18.47 -16.05
C ASN A 217 -2.74 -17.33 -17.06
N GLY A 218 -3.60 -17.39 -18.08
CA GLY A 218 -3.70 -16.35 -19.09
C GLY A 218 -4.36 -15.06 -18.58
N GLN A 219 -5.03 -15.14 -17.41
CA GLN A 219 -5.70 -14.02 -16.75
C GLN A 219 -4.89 -13.50 -15.53
N GLN A 220 -3.54 -13.52 -15.64
CA GLN A 220 -2.63 -12.94 -14.65
C GLN A 220 -2.94 -11.47 -14.63
N GLN A 221 -3.23 -10.94 -13.46
CA GLN A 221 -3.53 -9.51 -13.32
C GLN A 221 -2.32 -8.70 -12.85
N LYS A 222 -1.40 -9.29 -12.03
CA LYS A 222 -0.28 -8.56 -11.48
C LYS A 222 1.03 -9.31 -11.53
N TYR A 223 2.13 -8.53 -11.44
CA TYR A 223 3.49 -9.00 -11.31
C TYR A 223 4.08 -8.24 -10.13
N LEU A 224 4.63 -8.94 -9.10
CA LEU A 224 5.35 -8.33 -7.97
C LEU A 224 6.74 -8.96 -8.02
N GLY A 225 7.76 -8.14 -8.18
CA GLY A 225 9.12 -8.66 -8.29
C GLY A 225 10.19 -7.65 -8.00
N VAL A 226 11.43 -8.08 -8.25
CA VAL A 226 12.62 -7.32 -7.99
C VAL A 226 13.33 -7.08 -9.30
N CYS A 227 13.88 -5.86 -9.45
CA CYS A 227 14.64 -5.46 -10.62
C CYS A 227 15.87 -4.66 -10.21
N ARG A 228 16.72 -4.40 -11.18
CA ARG A 228 17.90 -3.60 -10.93
C ARG A 228 18.39 -2.97 -12.23
N LEU A 229 18.54 -1.64 -12.25
CA LEU A 229 19.02 -0.93 -13.45
C LEU A 229 20.49 -1.27 -13.62
N PRO A 230 21.06 -1.14 -14.84
CA PRO A 230 22.49 -1.49 -15.00
C PRO A 230 23.43 -0.38 -14.48
N GLY A 231 24.71 -0.71 -14.42
CA GLY A 231 25.75 0.21 -13.99
C GLY A 231 26.12 0.09 -12.53
N PRO A 232 27.15 0.82 -12.09
CA PRO A 232 27.51 0.77 -10.66
C PRO A 232 26.53 1.60 -9.81
N GLY A 233 26.61 1.42 -8.51
CA GLY A 233 25.76 2.16 -7.58
C GLY A 233 24.29 1.86 -7.61
N ARG A 234 23.90 0.68 -8.11
CA ARG A 234 22.50 0.33 -8.21
C ARG A 234 22.10 -0.59 -7.10
N ARG A 235 20.88 -0.38 -6.57
CA ARG A 235 20.32 -1.25 -5.53
C ARG A 235 19.21 -2.04 -6.19
N HIS A 236 18.77 -3.11 -5.53
CA HIS A 236 17.64 -3.91 -6.03
C HIS A 236 16.38 -3.17 -5.64
N ARG A 237 15.48 -2.88 -6.63
CA ARG A 237 14.23 -2.14 -6.40
C ARG A 237 13.03 -3.04 -6.61
N ARG A 238 11.97 -2.82 -5.81
CA ARG A 238 10.73 -3.59 -5.97
C ARG A 238 9.93 -3.01 -7.13
N LEU A 239 9.26 -3.90 -7.88
CA LEU A 239 8.48 -3.55 -9.08
C LEU A 239 7.06 -4.16 -8.91
N ASP A 240 6.05 -3.41 -9.35
CA ASP A 240 4.66 -3.84 -9.26
C ASP A 240 3.95 -3.45 -10.57
N ILE A 241 3.59 -4.44 -11.41
CA ILE A 241 2.94 -4.19 -12.70
C ILE A 241 1.55 -4.78 -12.68
N ILE A 242 0.56 -4.02 -13.18
CA ILE A 242 -0.82 -4.47 -13.37
C ILE A 242 -1.21 -4.20 -14.84
N VAL A 243 -1.83 -5.20 -15.49
CA VAL A 243 -2.30 -5.11 -16.87
C VAL A 243 -3.82 -5.15 -16.77
N VAL A 244 -4.50 -4.07 -17.23
CA VAL A 244 -5.96 -3.92 -17.06
C VAL A 244 -6.70 -3.70 -18.38
N PRO A 245 -7.98 -4.15 -18.46
CA PRO A 245 -8.78 -3.86 -19.67
C PRO A 245 -9.05 -2.37 -19.78
N TYR A 246 -9.02 -1.80 -21.01
CA TYR A 246 -9.22 -0.36 -21.19
C TYR A 246 -10.48 0.18 -20.51
N SER A 247 -11.60 -0.58 -20.58
CA SER A 247 -12.87 -0.22 -19.93
C SER A 247 -12.73 0.06 -18.40
N GLU A 248 -11.80 -0.67 -17.73
CA GLU A 248 -11.55 -0.50 -16.28
C GLU A 248 -10.35 0.44 -15.98
N PHE A 249 -9.90 1.25 -16.96
CA PHE A 249 -8.72 2.15 -16.83
C PHE A 249 -8.83 3.22 -15.73
N ALA A 250 -9.93 3.97 -15.65
CA ALA A 250 -10.10 5.02 -14.62
C ALA A 250 -10.09 4.46 -13.20
N CYS A 251 -10.77 3.32 -12.98
CA CYS A 251 -10.85 2.65 -11.67
C CYS A 251 -9.52 2.02 -11.26
N ALA A 252 -8.82 1.41 -12.21
CA ALA A 252 -7.50 0.81 -11.98
C ALA A 252 -6.49 1.93 -11.71
N LEU A 253 -6.60 3.05 -12.44
CA LEU A 253 -5.70 4.19 -12.26
C LEU A 253 -5.94 4.86 -10.90
N LEU A 254 -7.20 4.97 -10.50
CA LEU A 254 -7.61 5.54 -9.21
C LEU A 254 -7.10 4.66 -8.07
N TYR A 255 -7.35 3.35 -8.17
CA TYR A 255 -6.93 2.36 -7.18
C TYR A 255 -5.43 2.34 -7.00
N PHE A 256 -4.69 2.20 -8.10
CA PHE A 256 -3.24 2.10 -8.09
C PHE A 256 -2.49 3.40 -7.77
N THR A 257 -3.17 4.56 -7.82
CA THR A 257 -2.53 5.83 -7.42
C THR A 257 -2.64 5.96 -5.87
N GLY A 258 -3.74 5.48 -5.29
CA GLY A 258 -3.95 5.52 -3.86
C GLY A 258 -4.08 6.94 -3.32
N SER A 259 -3.59 7.21 -2.06
CA SER A 259 -2.98 6.27 -1.12
C SER A 259 -3.90 5.11 -0.73
N ALA A 260 -3.38 4.10 -0.02
CA ALA A 260 -4.15 2.96 0.51
C ALA A 260 -5.30 3.45 1.41
N HIS A 261 -5.03 4.51 2.23
N HIS A 261 -5.06 4.49 2.23
CA HIS A 261 -5.97 5.14 3.15
CA HIS A 261 -6.10 5.05 3.10
C HIS A 261 -7.02 5.97 2.41
C HIS A 261 -7.12 5.82 2.26
N PHE A 262 -6.65 6.61 1.28
CA PHE A 262 -7.56 7.37 0.43
C PHE A 262 -8.53 6.40 -0.25
N ASN A 263 -8.04 5.26 -0.77
CA ASN A 263 -8.92 4.22 -1.38
C ASN A 263 -9.90 3.67 -0.36
N ARG A 264 -9.44 3.34 0.84
CA ARG A 264 -10.32 2.83 1.89
C ARG A 264 -11.44 3.82 2.25
N SER A 265 -11.08 5.10 2.43
CA SER A 265 -11.99 6.22 2.75
C SER A 265 -13.06 6.46 1.64
N MET A 266 -12.64 6.40 0.39
CA MET A 266 -13.52 6.55 -0.75
C MET A 266 -14.42 5.29 -0.93
N ARG A 267 -13.89 4.09 -0.65
CA ARG A 267 -14.64 2.84 -0.78
C ARG A 267 -15.66 2.74 0.34
N ALA A 268 -15.28 3.15 1.59
CA ALA A 268 -16.22 3.21 2.73
C ALA A 268 -17.35 4.22 2.43
N LEU A 269 -17.02 5.36 1.77
CA LEU A 269 -18.03 6.33 1.37
C LEU A 269 -18.97 5.74 0.30
N ALA A 270 -18.45 5.00 -0.69
CA ALA A 270 -19.30 4.39 -1.74
C ALA A 270 -20.34 3.47 -1.10
N LYS A 271 -19.92 2.67 -0.10
CA LYS A 271 -20.74 1.74 0.68
C LYS A 271 -21.98 2.42 1.29
N THR A 272 -21.82 3.68 1.80
CA THR A 272 -22.91 4.46 2.40
C THR A 272 -23.95 4.95 1.38
N LYS A 273 -23.58 5.04 0.09
CA LYS A 273 -24.48 5.45 -0.99
C LYS A 273 -25.03 4.19 -1.73
N GLY A 274 -24.88 3.00 -1.15
CA GLY A 274 -25.33 1.76 -1.76
C GLY A 274 -24.49 1.29 -2.95
N MET A 275 -23.31 1.90 -3.17
CA MET A 275 -22.43 1.58 -4.30
C MET A 275 -21.21 0.80 -3.82
N SER A 276 -20.41 0.29 -4.75
CA SER A 276 -19.18 -0.44 -4.41
C SER A 276 -18.08 -0.02 -5.36
N LEU A 277 -16.90 0.31 -4.82
CA LEU A 277 -15.80 0.78 -5.63
C LEU A 277 -14.63 -0.20 -5.52
N SER A 278 -14.11 -0.64 -6.67
CA SER A 278 -12.96 -1.54 -6.72
C SER A 278 -12.02 -1.13 -7.87
N GLU A 279 -10.89 -1.84 -8.03
N GLU A 279 -10.91 -1.88 -8.00
CA GLU A 279 -9.94 -1.59 -9.13
CA GLU A 279 -9.90 -1.76 -9.07
C GLU A 279 -10.59 -1.82 -10.52
C GLU A 279 -10.50 -1.96 -10.49
N HIS A 280 -11.64 -2.67 -10.60
CA HIS A 280 -12.34 -2.97 -11.84
C HIS A 280 -13.45 -1.98 -12.17
N ALA A 281 -14.30 -1.64 -11.17
CA ALA A 281 -15.47 -0.80 -11.43
C ALA A 281 -16.09 -0.13 -10.22
N LEU A 282 -16.85 0.94 -10.51
CA LEU A 282 -17.72 1.60 -9.54
C LEU A 282 -19.08 1.02 -9.90
N SER A 283 -19.72 0.33 -8.95
CA SER A 283 -21.02 -0.32 -9.14
C SER A 283 -22.10 0.37 -8.32
N THR A 284 -23.35 0.23 -8.74
CA THR A 284 -24.51 0.83 -8.07
C THR A 284 -25.60 -0.22 -7.86
N ALA A 285 -26.54 0.05 -6.93
CA ALA A 285 -27.65 -0.84 -6.58
C ALA A 285 -27.12 -2.20 -6.09
N VAL A 286 -26.09 -2.12 -5.22
CA VAL A 286 -25.41 -3.27 -4.64
C VAL A 286 -26.16 -3.68 -3.37
N VAL A 287 -26.75 -4.89 -3.38
CA VAL A 287 -27.50 -5.41 -2.22
C VAL A 287 -26.50 -5.94 -1.16
N ARG A 288 -26.66 -5.54 0.12
CA ARG A 288 -25.80 -5.97 1.22
C ARG A 288 -26.62 -6.45 2.42
N ASN A 289 -26.05 -7.39 3.22
CA ASN A 289 -26.70 -7.97 4.40
C ASN A 289 -26.42 -7.18 5.69
N HIS A 291 -24.49 -7.29 8.08
CA HIS A 291 -23.07 -7.47 8.32
C HIS A 291 -22.14 -6.78 7.27
N GLY A 292 -22.71 -5.96 6.37
CA GLY A 292 -21.97 -5.22 5.35
C GLY A 292 -21.26 -6.01 4.26
N CYS A 293 -21.76 -7.22 3.91
CA CYS A 293 -21.17 -8.07 2.86
C CYS A 293 -22.06 -8.09 1.61
N LYS A 294 -21.45 -8.11 0.41
CA LYS A 294 -22.17 -8.15 -0.87
C LYS A 294 -23.09 -9.37 -1.02
N VAL A 295 -24.41 -9.13 -1.12
CA VAL A 295 -25.44 -10.16 -1.38
C VAL A 295 -25.87 -10.15 -2.87
N GLY A 296 -25.87 -8.95 -3.49
CA GLY A 296 -26.23 -8.74 -4.89
C GLY A 296 -25.14 -7.99 -5.65
N PRO A 297 -24.99 -8.23 -6.98
CA PRO A 297 -23.88 -7.58 -7.72
C PRO A 297 -24.03 -6.09 -8.05
N GLY A 298 -25.22 -5.69 -8.49
CA GLY A 298 -25.49 -4.33 -8.94
C GLY A 298 -25.13 -4.13 -10.40
N ARG A 299 -25.16 -2.87 -10.85
CA ARG A 299 -24.81 -2.48 -12.22
C ARG A 299 -23.51 -1.69 -12.22
N VAL A 300 -22.62 -1.95 -13.19
CA VAL A 300 -21.39 -1.15 -13.36
C VAL A 300 -21.78 0.24 -13.91
N LEU A 301 -21.20 1.30 -13.36
CA LEU A 301 -21.48 2.67 -13.82
C LEU A 301 -20.41 3.10 -14.82
N PRO A 302 -20.77 3.79 -15.92
CA PRO A 302 -19.73 4.25 -16.86
C PRO A 302 -18.74 5.27 -16.27
N THR A 303 -17.46 4.90 -16.15
CA THR A 303 -16.41 5.75 -15.56
C THR A 303 -15.22 5.84 -16.52
N PRO A 304 -15.34 6.62 -17.63
CA PRO A 304 -14.22 6.75 -18.58
C PRO A 304 -12.95 7.46 -18.05
N THR A 305 -13.11 8.31 -17.00
CA THR A 305 -12.00 9.01 -16.37
C THR A 305 -12.20 9.01 -14.84
N GLU A 306 -11.13 9.29 -14.08
CA GLU A 306 -11.13 9.39 -12.62
C GLU A 306 -12.12 10.48 -12.17
N LYS A 307 -12.28 11.59 -12.96
CA LYS A 307 -13.23 12.68 -12.65
C LYS A 307 -14.68 12.16 -12.53
N ASP A 308 -15.04 11.15 -13.33
CA ASP A 308 -16.37 10.54 -13.28
C ASP A 308 -16.61 9.75 -11.96
N VAL A 309 -15.58 9.06 -11.42
CA VAL A 309 -15.69 8.31 -10.16
C VAL A 309 -16.04 9.26 -8.98
N PHE A 310 -15.28 10.38 -8.85
CA PHE A 310 -15.55 11.43 -7.84
C PHE A 310 -16.96 12.02 -8.05
N ARG A 311 -17.30 12.35 -9.32
CA ARG A 311 -18.59 12.94 -9.70
C ARG A 311 -19.75 12.02 -9.35
N LEU A 312 -19.70 10.72 -9.74
CA LEU A 312 -20.75 9.75 -9.43
C LEU A 312 -20.93 9.53 -7.91
N LEU A 313 -19.87 9.77 -7.10
CA LEU A 313 -19.92 9.68 -5.65
C LEU A 313 -20.28 11.02 -4.96
N GLY A 314 -20.58 12.06 -5.74
CA GLY A 314 -20.89 13.38 -5.21
C GLY A 314 -19.71 14.10 -4.59
N LEU A 315 -18.50 13.87 -5.09
CA LEU A 315 -17.27 14.47 -4.54
C LEU A 315 -16.57 15.38 -5.55
N PRO A 316 -15.85 16.43 -5.08
CA PRO A 316 -15.06 17.23 -6.02
C PRO A 316 -13.76 16.47 -6.33
N TYR A 317 -13.23 16.66 -7.53
CA TYR A 317 -11.98 15.99 -7.96
C TYR A 317 -10.80 16.40 -7.08
N ARG A 318 -9.91 15.43 -6.80
CA ARG A 318 -8.68 15.62 -6.04
C ARG A 318 -7.55 15.15 -6.95
N GLU A 319 -6.60 16.05 -7.26
CA GLU A 319 -5.46 15.71 -8.12
C GLU A 319 -4.63 14.72 -7.31
N PRO A 320 -3.86 13.79 -7.95
CA PRO A 320 -3.09 12.77 -7.19
C PRO A 320 -2.32 13.23 -5.95
N ALA A 321 -1.64 14.38 -6.01
CA ALA A 321 -0.88 14.89 -4.87
C ALA A 321 -1.71 15.24 -3.61
N GLU A 322 -3.04 15.45 -3.76
CA GLU A 322 -3.93 15.75 -2.64
C GLU A 322 -4.64 14.48 -2.15
N ARG A 323 -4.18 13.27 -2.56
CA ARG A 323 -4.79 12.00 -2.17
C ARG A 323 -3.93 11.22 -1.18
N ASP A 324 -3.06 11.86 -0.39
CA ASP A 324 -2.23 11.12 0.58
C ASP A 324 -3.03 10.58 1.80
N TRP A 325 -4.27 11.05 2.00
CA TRP A 325 -5.13 10.57 3.07
C TRP A 325 -6.56 10.98 2.72
#